data_8S8N
#
_entry.id   8S8N
#
loop_
_entity.id
_entity.type
_entity.pdbx_description
1 polymer Tanniamide
2 non-polymer '(~{Z},3~{R})-3-oxidanyldodec-5-enoic acid'
#
_entity_poly.entity_id   1
_entity_poly.type   'polypeptide(D)'
_entity_poly.pdbx_seq_one_letter_code
;(DLE)(DAS)(2TL)(28J)L(DGN)L(DSN)L(DGN)IE
;
_entity_poly.pdbx_strand_id   A
#
# COMPACT_ATOMS: atom_id res chain seq x y z
N LEU A 5 -2.17 -2.00 -3.62
CA LEU A 5 -1.43 -2.83 -4.61
C LEU A 5 -0.10 -3.34 -4.07
N LEU A 7 2.53 -1.94 -3.15
CA LEU A 7 3.65 -1.12 -3.55
C LEU A 7 4.44 -0.63 -2.35
N LEU A 9 3.21 1.48 0.42
CA LEU A 9 2.82 2.79 0.80
C LEU A 9 2.62 2.98 2.34
N ILE A 11 -0.17 1.83 3.44
CA ILE A 11 -1.59 1.92 3.39
C ILE A 11 -2.12 0.48 3.18
N GLU A 12 -2.88 -0.09 4.19
CA GLU A 12 -3.46 -1.44 4.00
C GLU A 12 -4.64 -1.52 3.00
N LEU A 5 -2.56 -1.58 -3.90
CA LEU A 5 -1.51 -2.05 -4.78
C LEU A 5 -0.44 -2.81 -3.98
N LEU A 7 1.91 -1.73 -2.70
CA LEU A 7 3.15 -1.17 -3.20
C LEU A 7 4.15 -1.00 -2.07
N LEU A 9 3.63 1.36 0.37
CA LEU A 9 3.33 2.64 1.02
C LEU A 9 2.82 2.44 2.45
N ILE A 11 -0.45 1.62 3.07
CA ILE A 11 -1.80 2.18 3.07
C ILE A 11 -2.73 0.98 2.93
N GLU A 12 -2.52 0.03 3.81
CA GLU A 12 -3.27 -1.23 3.87
C GLU A 12 -4.26 -1.39 2.70
N LEU A 5 -2.45 -1.76 -4.09
CA LEU A 5 -1.36 -2.40 -4.80
C LEU A 5 -0.35 -3.00 -3.83
N LEU A 7 1.95 -1.70 -2.69
CA LEU A 7 3.19 -1.21 -3.28
C LEU A 7 4.21 -0.94 -2.18
N LEU A 9 3.48 1.36 0.21
CA LEU A 9 3.03 2.62 0.82
C LEU A 9 2.51 2.41 2.25
N ILE A 11 -0.64 1.34 3.04
CA ILE A 11 -2.02 1.80 3.06
C ILE A 11 -2.90 0.55 3.10
N GLU A 12 -2.48 -0.40 3.90
CA GLU A 12 -3.18 -1.65 4.11
C GLU A 12 -3.83 -2.25 2.84
N LEU A 5 -2.53 -1.61 -3.90
CA LEU A 5 -1.46 -2.10 -4.75
C LEU A 5 -0.44 -2.91 -3.94
N LEU A 7 1.99 -1.94 -2.62
CA LEU A 7 3.25 -1.46 -3.15
C LEU A 7 4.27 -1.19 -2.04
N LEU A 9 3.66 1.57 0.33
CA LEU A 9 3.25 2.81 1.00
C LEU A 9 2.75 2.54 2.42
N ILE A 11 -0.48 1.60 3.06
CA ILE A 11 -1.84 2.12 3.10
C ILE A 11 -2.75 0.90 2.96
N GLU A 12 -2.50 -0.06 3.82
CA GLU A 12 -3.23 -1.32 3.87
C GLU A 12 -4.26 -1.48 2.73
N LEU A 5 -2.77 -1.49 -3.83
CA LEU A 5 -1.67 -1.92 -4.68
C LEU A 5 -0.62 -2.65 -3.85
N LEU A 7 1.71 -1.53 -2.56
CA LEU A 7 2.95 -0.98 -3.10
C LEU A 7 4.02 -0.95 -2.03
N LEU A 9 3.82 1.24 0.42
CA LEU A 9 3.64 2.56 1.06
C LEU A 9 3.17 2.40 2.52
N ILE A 11 -0.06 1.78 3.36
CA ILE A 11 -1.39 2.35 3.46
C ILE A 11 -2.27 1.17 3.89
N GLU A 12 -2.53 0.27 2.97
CA GLU A 12 -3.32 -0.92 3.26
C GLU A 12 -4.11 -1.29 2.01
N LEU A 5 -2.56 -1.70 -4.08
CA LEU A 5 -1.44 -2.29 -4.78
C LEU A 5 -0.44 -2.90 -3.80
N LEU A 7 1.80 -1.59 -2.58
CA LEU A 7 3.04 -1.09 -3.15
C LEU A 7 4.09 -0.95 -2.07
N LEU A 9 3.66 1.34 0.30
CA LEU A 9 3.39 2.65 0.89
C LEU A 9 2.93 2.52 2.35
N ILE A 11 -0.28 1.46 3.22
CA ILE A 11 -1.68 1.90 3.22
C ILE A 11 -2.44 0.78 3.93
N GLU A 12 -2.55 -0.35 3.28
CA GLU A 12 -3.23 -1.51 3.86
C GLU A 12 -3.95 -2.26 2.74
N LEU A 5 -2.66 -1.51 -3.77
CA LEU A 5 -1.61 -1.98 -4.65
C LEU A 5 -0.58 -2.78 -3.87
N LEU A 7 1.83 -1.81 -2.59
CA LEU A 7 3.10 -1.30 -3.14
C LEU A 7 4.14 -1.11 -2.05
N LEU A 9 3.72 1.44 0.37
CA LEU A 9 3.41 2.72 1.02
C LEU A 9 2.79 2.54 2.42
N ILE A 11 -0.34 1.61 3.18
CA ILE A 11 -1.67 2.21 3.18
C ILE A 11 -2.67 1.06 3.03
N GLU A 12 -2.32 -0.07 3.61
CA GLU A 12 -3.15 -1.27 3.57
C GLU A 12 -3.82 -1.47 2.21
N LEU A 5 -2.57 -1.72 -4.08
CA LEU A 5 -1.45 -2.30 -4.79
C LEU A 5 -0.45 -2.91 -3.81
N LEU A 7 1.80 -1.60 -2.60
CA LEU A 7 3.04 -1.11 -3.18
C LEU A 7 4.09 -0.95 -2.08
N LEU A 9 3.63 1.35 0.30
CA LEU A 9 3.35 2.65 0.90
C LEU A 9 2.90 2.50 2.35
N ILE A 11 -0.29 1.48 3.21
CA ILE A 11 -1.68 1.92 3.23
C ILE A 11 -2.42 0.81 3.94
N GLU A 12 -2.56 -0.33 3.28
CA GLU A 12 -3.22 -1.50 3.86
C GLU A 12 -3.94 -2.25 2.74
N LEU A 5 -2.56 -1.58 -3.89
CA LEU A 5 -1.51 -2.05 -4.78
C LEU A 5 -0.44 -2.80 -3.98
N LEU A 7 1.88 -1.70 -2.69
CA LEU A 7 3.12 -1.12 -3.20
C LEU A 7 4.13 -0.97 -2.07
N LEU A 9 3.64 1.34 0.37
CA LEU A 9 3.34 2.62 1.01
C LEU A 9 2.84 2.42 2.45
N ILE A 11 -0.44 1.62 3.08
CA ILE A 11 -1.79 2.18 3.07
C ILE A 11 -2.73 0.98 2.93
N GLU A 12 -2.52 0.03 3.81
CA GLU A 12 -3.27 -1.22 3.87
C GLU A 12 -4.26 -1.39 2.70
N LEU A 5 -2.59 -1.69 -4.07
CA LEU A 5 -1.46 -2.27 -4.77
C LEU A 5 -0.46 -2.88 -3.80
N LEU A 7 1.79 -1.60 -2.58
CA LEU A 7 3.04 -1.12 -3.15
C LEU A 7 4.09 -0.98 -2.07
N LEU A 9 3.69 1.35 0.30
CA LEU A 9 3.46 2.66 0.90
C LEU A 9 2.97 2.54 2.35
N ILE A 11 -0.29 1.46 3.22
CA ILE A 11 -1.68 1.89 3.21
C ILE A 11 -2.44 0.78 3.92
N GLU A 12 -2.55 -0.36 3.27
CA GLU A 12 -3.22 -1.52 3.86
C GLU A 12 -3.95 -2.27 2.73
N LEU A 5 -2.53 -1.66 -3.99
CA LEU A 5 -1.43 -2.15 -4.81
C LEU A 5 -0.37 -2.84 -3.97
N LEU A 7 1.92 -1.63 -2.67
CA LEU A 7 3.16 -1.04 -3.18
C LEU A 7 4.16 -0.91 -2.03
N LEU A 9 3.64 1.30 0.39
CA LEU A 9 3.36 2.59 1.02
C LEU A 9 2.83 2.42 2.45
N ILE A 11 -0.48 1.60 3.06
CA ILE A 11 -1.83 2.14 3.02
C ILE A 11 -2.74 0.92 2.90
N GLU A 12 -2.51 0.00 3.81
CA GLU A 12 -3.24 -1.27 3.89
C GLU A 12 -4.25 -1.45 2.75
#